data_4JOR
#
_entry.id   4JOR
#
_cell.length_a   33.205
_cell.length_b   47.960
_cell.length_c   52.852
_cell.angle_alpha   90.00
_cell.angle_beta   101.98
_cell.angle_gamma   90.00
#
_symmetry.space_group_name_H-M   'P 1 21 1'
#
loop_
_entity.id
_entity.type
_entity.pdbx_description
1 polymer 'Golgi-associated PDZ and coiled-coil motif-containing protein'
2 polymer 'Protein E6'
3 non-polymer GLYCEROL
4 water water
#
loop_
_entity_poly.entity_id
_entity_poly.type
_entity_poly.pdbx_seq_one_letter_code
_entity_poly.pdbx_strand_id
1 'polypeptide(L)'
;GPIRKVLLLKEDHEGLGISITGGKEHGVPILISEIHPGQPADRCGGLHVGDAILAVNGVNLRDTKHKEAVTILSQQRGEI
EFEVVYV
;
A,B
2 'polypeptide(L)' RLQRRRETQV C,D
#
loop_
_chem_comp.id
_chem_comp.type
_chem_comp.name
_chem_comp.formula
GOL non-polymer GLYCEROL 'C3 H8 O3'
#
# COMPACT_ATOMS: atom_id res chain seq x y z
N GLY A 1 2.27 9.40 -7.04
CA GLY A 1 3.14 9.82 -5.96
C GLY A 1 3.90 8.63 -5.43
N PRO A 2 4.98 8.88 -4.69
CA PRO A 2 5.75 7.77 -4.12
C PRO A 2 5.09 7.23 -2.85
N ILE A 3 5.12 5.92 -2.70
CA ILE A 3 4.67 5.33 -1.45
C ILE A 3 5.67 5.64 -0.36
N ARG A 4 5.16 6.04 0.80
CA ARG A 4 5.97 6.18 1.99
C ARG A 4 5.44 5.21 3.05
N LYS A 5 6.35 4.64 3.83
CA LYS A 5 5.98 3.88 5.01
C LYS A 5 6.40 4.70 6.21
N VAL A 6 5.44 5.02 7.06
CA VAL A 6 5.62 6.01 8.11
C VAL A 6 5.24 5.37 9.43
N LEU A 7 6.11 5.50 10.42
CA LEU A 7 5.84 4.95 11.73
C LEU A 7 5.18 5.99 12.62
N LEU A 8 4.11 5.58 13.25
CA LEU A 8 3.38 6.40 14.19
C LEU A 8 3.50 5.70 15.55
N LEU A 9 3.77 6.47 16.60
CA LEU A 9 3.85 5.88 17.93
C LEU A 9 2.75 6.47 18.78
N LYS A 10 2.02 5.63 19.48
CA LYS A 10 1.03 6.17 20.39
C LYS A 10 0.82 5.25 21.56
N GLU A 11 0.23 5.79 22.61
CA GLU A 11 -0.21 4.98 23.72
C GLU A 11 -1.65 4.55 23.54
N ASP A 12 -2.06 3.52 24.28
CA ASP A 12 -3.32 2.84 23.99
C ASP A 12 -4.53 3.75 24.21
N HIS A 13 -4.43 4.67 25.16
CA HIS A 13 -5.52 5.57 25.48
C HIS A 13 -5.75 6.61 24.37
N GLU A 14 -4.77 6.77 23.48
CA GLU A 14 -4.85 7.76 22.41
C GLU A 14 -5.51 7.16 21.18
N GLY A 15 -6.21 8.00 20.42
CA GLY A 15 -6.50 7.64 19.06
C GLY A 15 -5.28 7.88 18.17
N LEU A 16 -5.44 7.60 16.89
CA LEU A 16 -4.38 7.88 15.93
C LEU A 16 -4.21 9.38 15.70
N GLY A 17 -5.29 10.15 15.89
CA GLY A 17 -5.23 11.58 15.66
C GLY A 17 -5.48 11.99 14.22
N ILE A 18 -6.28 11.21 13.51
CA ILE A 18 -6.64 11.55 12.14
C ILE A 18 -8.14 11.46 11.98
N SER A 19 -8.66 12.23 11.04
CA SER A 19 -9.98 11.93 10.50
C SER A 19 -9.79 11.35 9.11
N ILE A 20 -10.61 10.38 8.77
CA ILE A 20 -10.57 9.77 7.44
C ILE A 20 -11.89 9.84 6.72
N THR A 21 -11.80 9.91 5.41
CA THR A 21 -12.95 9.80 4.51
C THR A 21 -12.74 8.62 3.59
N GLY A 22 -13.79 8.22 2.89
CA GLY A 22 -13.65 7.32 1.77
C GLY A 22 -13.84 5.86 2.12
N GLY A 23 -13.46 5.00 1.17
CA GLY A 23 -13.65 3.58 1.34
C GLY A 23 -14.39 2.99 0.15
N LYS A 24 -14.44 1.67 0.14
CA LYS A 24 -14.90 0.92 -1.03
C LYS A 24 -16.28 1.36 -1.56
N GLU A 25 -17.25 1.52 -0.66
CA GLU A 25 -18.60 1.86 -1.09
C GLU A 25 -18.66 3.25 -1.71
N HIS A 26 -17.66 4.07 -1.43
CA HIS A 26 -17.63 5.44 -1.91
C HIS A 26 -16.81 5.59 -3.19
N GLY A 27 -16.17 4.50 -3.61
CA GLY A 27 -15.39 4.47 -4.84
C GLY A 27 -14.11 5.29 -4.80
N VAL A 28 -13.61 5.56 -3.59
CA VAL A 28 -12.42 6.38 -3.43
C VAL A 28 -11.57 5.77 -2.32
N PRO A 29 -10.26 6.07 -2.32
CA PRO A 29 -9.42 5.55 -1.25
C PRO A 29 -9.79 6.10 0.12
N ILE A 30 -9.33 5.42 1.16
CA ILE A 30 -9.32 5.98 2.49
C ILE A 30 -8.32 7.15 2.48
N LEU A 31 -8.82 8.35 2.77
CA LEU A 31 -7.99 9.55 2.73
C LEU A 31 -7.97 10.21 4.10
N ILE A 32 -6.82 10.75 4.47
CA ILE A 32 -6.72 11.58 5.65
C ILE A 32 -7.34 12.94 5.36
N SER A 33 -8.37 13.29 6.11
CA SER A 33 -9.07 14.56 5.92
C SER A 33 -8.69 15.59 6.98
N GLU A 34 -8.16 15.13 8.11
N GLU A 34 -8.15 15.12 8.11
CA GLU A 34 -7.72 16.04 9.17
CA GLU A 34 -7.74 16.01 9.19
C GLU A 34 -6.62 15.42 10.00
C GLU A 34 -6.60 15.40 9.98
N ILE A 35 -5.67 16.26 10.41
CA ILE A 35 -4.62 15.87 11.34
C ILE A 35 -4.85 16.68 12.62
N HIS A 36 -5.04 15.99 13.73
CA HIS A 36 -5.40 16.65 14.99
C HIS A 36 -4.15 17.06 15.78
N PRO A 37 -4.02 18.36 16.07
CA PRO A 37 -2.80 18.88 16.70
C PRO A 37 -2.45 18.15 17.99
N GLY A 38 -1.19 17.75 18.14
CA GLY A 38 -0.71 17.13 19.36
C GLY A 38 -0.99 15.64 19.50
N GLN A 39 -1.81 15.10 18.61
N GLN A 39 -1.80 15.10 18.60
CA GLN A 39 -2.15 13.68 18.65
CA GLN A 39 -2.14 13.68 18.63
C GLN A 39 -1.11 12.89 17.84
C GLN A 39 -1.10 12.88 17.82
N PRO A 40 -1.17 11.55 17.87
CA PRO A 40 -0.02 10.80 17.34
C PRO A 40 0.37 11.05 15.88
N ALA A 41 -0.60 11.21 14.99
CA ALA A 41 -0.25 11.42 13.58
C ALA A 41 0.49 12.74 13.38
N ASP A 42 0.03 13.78 14.07
CA ASP A 42 0.71 15.07 14.04
C ASP A 42 2.13 14.89 14.56
N ARG A 43 2.26 14.22 15.70
CA ARG A 43 3.58 14.08 16.34
C ARG A 43 4.59 13.37 15.45
N CYS A 44 4.15 12.38 14.69
CA CYS A 44 5.10 11.62 13.88
C CYS A 44 5.61 12.42 12.69
N GLY A 45 4.82 13.40 12.24
CA GLY A 45 5.28 14.33 11.22
C GLY A 45 5.32 13.85 9.78
N GLY A 46 4.84 12.63 9.51
CA GLY A 46 4.90 12.09 8.16
C GLY A 46 3.58 11.79 7.49
N LEU A 47 2.49 12.19 8.14
CA LEU A 47 1.13 11.95 7.64
C LEU A 47 0.41 13.27 7.46
N HIS A 48 -0.19 13.46 6.29
CA HIS A 48 -0.76 14.76 5.95
C HIS A 48 -2.13 14.65 5.32
N VAL A 49 -2.88 15.74 5.41
CA VAL A 49 -4.19 15.79 4.78
C VAL A 49 -4.02 15.54 3.29
N GLY A 50 -4.86 14.67 2.75
CA GLY A 50 -4.77 14.33 1.33
C GLY A 50 -3.98 13.06 1.04
N ASP A 51 -3.28 12.52 2.05
CA ASP A 51 -2.67 11.22 1.92
C ASP A 51 -3.72 10.11 1.88
N ALA A 52 -3.57 9.19 0.93
CA ALA A 52 -4.33 7.94 0.93
C ALA A 52 -3.63 6.95 1.84
N ILE A 53 -4.42 6.27 2.69
CA ILE A 53 -3.91 5.16 3.48
C ILE A 53 -4.12 3.87 2.70
N LEU A 54 -3.03 3.35 2.16
CA LEU A 54 -3.07 2.12 1.37
C LEU A 54 -3.11 0.90 2.28
N ALA A 55 -2.39 0.98 3.39
CA ALA A 55 -2.32 -0.15 4.33
C ALA A 55 -1.87 0.35 5.68
N VAL A 56 -2.24 -0.39 6.72
CA VAL A 56 -1.73 -0.13 8.05
C VAL A 56 -1.25 -1.45 8.65
N ASN A 57 -0.01 -1.46 9.12
CA ASN A 57 0.63 -2.66 9.63
C ASN A 57 0.42 -3.86 8.72
N GLY A 58 0.49 -3.63 7.42
CA GLY A 58 0.39 -4.71 6.45
C GLY A 58 -1.03 -5.18 6.20
N VAL A 59 -2.02 -4.45 6.68
CA VAL A 59 -3.42 -4.73 6.35
C VAL A 59 -3.82 -3.84 5.19
N ASN A 60 -4.11 -4.45 4.05
CA ASN A 60 -4.47 -3.71 2.84
C ASN A 60 -5.82 -3.04 3.05
N LEU A 61 -5.87 -1.73 2.90
CA LEU A 61 -7.11 -0.96 3.05
C LEU A 61 -7.53 -0.32 1.74
N ARG A 62 -6.98 -0.80 0.62
CA ARG A 62 -7.32 -0.21 -0.68
C ARG A 62 -8.72 -0.60 -1.15
N ASP A 63 -9.26 -1.69 -0.62
CA ASP A 63 -10.53 -2.24 -1.11
C ASP A 63 -11.41 -2.67 0.05
N THR A 64 -11.51 -1.80 1.04
CA THR A 64 -12.24 -2.06 2.27
C THR A 64 -13.27 -0.96 2.49
N LYS A 65 -14.45 -1.33 2.98
CA LYS A 65 -15.46 -0.32 3.29
C LYS A 65 -15.01 0.58 4.42
N HIS A 66 -15.60 1.77 4.47
CA HIS A 66 -15.22 2.79 5.42
C HIS A 66 -15.15 2.25 6.85
N LYS A 67 -16.24 1.64 7.32
CA LYS A 67 -16.30 1.23 8.71
C LYS A 67 -15.29 0.14 9.06
N GLU A 68 -15.07 -0.79 8.14
CA GLU A 68 -14.08 -1.84 8.35
C GLU A 68 -12.68 -1.25 8.44
N ALA A 69 -12.38 -0.24 7.62
CA ALA A 69 -11.10 0.46 7.73
C ALA A 69 -10.98 1.15 9.09
N VAL A 70 -12.04 1.83 9.51
CA VAL A 70 -12.08 2.43 10.84
C VAL A 70 -11.77 1.41 11.93
N THR A 71 -12.41 0.24 11.86
CA THR A 71 -12.21 -0.78 12.87
C THR A 71 -10.77 -1.27 12.90
N ILE A 72 -10.20 -1.60 11.74
CA ILE A 72 -8.82 -2.04 11.67
C ILE A 72 -7.88 -0.97 12.22
N LEU A 73 -8.08 0.27 11.79
CA LEU A 73 -7.23 1.36 12.28
C LEU A 73 -7.32 1.47 13.79
N SER A 74 -8.52 1.36 14.35
N SER A 74 -8.53 1.33 14.34
CA SER A 74 -8.71 1.53 15.78
CA SER A 74 -8.79 1.50 15.76
C SER A 74 -8.04 0.45 16.62
C SER A 74 -8.24 0.38 16.64
N GLN A 75 -7.84 -0.73 16.03
CA GLN A 75 -7.30 -1.87 16.75
C GLN A 75 -5.78 -1.82 16.87
N GLN A 76 -5.14 -0.92 16.15
CA GLN A 76 -3.68 -0.88 16.15
C GLN A 76 -3.14 -0.28 17.45
N ARG A 77 -2.01 -0.81 17.93
CA ARG A 77 -1.37 -0.35 19.16
C ARG A 77 0.11 -0.16 18.99
N GLY A 78 0.65 0.77 19.75
CA GLY A 78 2.09 0.91 19.91
C GLY A 78 2.75 1.63 18.75
N GLU A 79 3.67 0.95 18.08
CA GLU A 79 4.35 1.52 16.92
C GLU A 79 3.69 0.95 15.67
N ILE A 80 3.10 1.84 14.88
CA ILE A 80 2.17 1.47 13.83
C ILE A 80 2.64 2.00 12.48
N GLU A 81 2.78 1.12 11.50
CA GLU A 81 3.26 1.51 10.18
C GLU A 81 2.13 1.85 9.23
N PHE A 82 2.15 3.05 8.67
CA PHE A 82 1.20 3.47 7.65
C PHE A 82 1.87 3.46 6.28
N GLU A 83 1.23 2.81 5.33
CA GLU A 83 1.68 2.87 3.93
C GLU A 83 0.78 3.87 3.25
N VAL A 84 1.36 4.99 2.81
CA VAL A 84 0.57 6.10 2.31
C VAL A 84 1.13 6.64 1.01
N VAL A 85 0.27 7.34 0.29
CA VAL A 85 0.68 8.07 -0.90
C VAL A 85 -0.17 9.33 -1.01
N TYR A 86 0.48 10.45 -1.33
CA TYR A 86 -0.24 11.70 -1.52
C TYR A 86 -0.84 11.69 -2.92
N VAL A 87 -2.16 11.74 -2.99
CA VAL A 87 -2.83 11.62 -4.28
C VAL A 87 -3.27 12.95 -4.85
N GLY B 1 10.16 -15.69 -23.63
CA GLY B 1 11.18 -14.79 -23.14
C GLY B 1 11.95 -15.47 -22.04
N PRO B 2 13.21 -15.05 -21.81
CA PRO B 2 13.88 -15.70 -20.70
C PRO B 2 13.23 -15.30 -19.39
N ILE B 3 13.21 -16.21 -18.43
CA ILE B 3 12.80 -15.85 -17.08
C ILE B 3 14.03 -15.28 -16.39
N ARG B 4 13.92 -14.05 -15.91
CA ARG B 4 15.04 -13.38 -15.29
C ARG B 4 14.87 -13.31 -13.78
N LYS B 5 15.97 -13.51 -13.06
CA LYS B 5 16.02 -13.24 -11.63
C LYS B 5 16.60 -11.85 -11.42
N VAL B 6 15.79 -10.95 -10.89
CA VAL B 6 16.12 -9.53 -10.80
C VAL B 6 16.15 -9.12 -9.35
N LEU B 7 17.21 -8.44 -8.95
CA LEU B 7 17.36 -7.98 -7.57
C LEU B 7 16.90 -6.53 -7.43
N LEU B 8 16.11 -6.29 -6.40
CA LEU B 8 15.66 -4.96 -6.06
C LEU B 8 16.10 -4.70 -4.62
N LEU B 9 16.74 -3.56 -4.37
CA LEU B 9 17.13 -3.16 -3.02
C LEU B 9 16.27 -1.99 -2.60
N LYS B 10 15.72 -2.07 -1.40
CA LYS B 10 15.00 -0.91 -0.89
C LYS B 10 15.10 -0.85 0.61
N GLU B 11 14.83 0.34 1.15
CA GLU B 11 14.77 0.52 2.59
C GLU B 11 13.31 0.51 3.04
N ASP B 12 13.13 0.48 4.36
CA ASP B 12 11.82 0.21 4.89
C ASP B 12 10.88 1.41 4.77
N HIS B 13 11.42 2.60 4.46
CA HIS B 13 10.59 3.80 4.40
C HIS B 13 9.85 3.96 3.06
N GLU B 14 10.17 3.09 2.10
CA GLU B 14 9.66 3.23 0.74
C GLU B 14 8.92 1.98 0.26
N GLY B 15 8.15 2.11 -0.82
CA GLY B 15 7.54 0.96 -1.46
C GLY B 15 8.44 0.39 -2.53
N LEU B 16 7.92 -0.57 -3.27
CA LEU B 16 8.64 -1.18 -4.36
C LEU B 16 8.81 -0.25 -5.57
N GLY B 17 7.81 0.59 -5.82
CA GLY B 17 7.85 1.47 -6.97
C GLY B 17 7.30 0.81 -8.23
N ILE B 18 6.33 -0.08 -8.06
CA ILE B 18 5.63 -0.63 -9.21
C ILE B 18 4.13 -0.60 -9.00
N SER B 19 3.40 -0.62 -10.11
CA SER B 19 1.99 -0.93 -10.03
C SER B 19 1.77 -2.24 -10.76
N ILE B 20 0.80 -3.01 -10.28
CA ILE B 20 0.46 -4.29 -10.89
C ILE B 20 -1.00 -4.36 -11.28
N THR B 21 -1.27 -5.14 -12.34
CA THR B 21 -2.62 -5.52 -12.72
C THR B 21 -2.67 -7.04 -12.79
N GLY B 22 -3.87 -7.59 -12.94
CA GLY B 22 -4.01 -9.01 -13.18
C GLY B 22 -4.13 -9.85 -11.93
N GLY B 23 -3.95 -11.16 -12.11
CA GLY B 23 -4.17 -12.09 -11.04
C GLY B 23 -5.09 -13.22 -11.44
N LYS B 24 -5.14 -14.26 -10.62
N LYS B 24 -5.14 -14.25 -10.61
CA LYS B 24 -5.82 -15.49 -11.00
CA LYS B 24 -5.82 -15.49 -10.91
C LYS B 24 -7.32 -15.29 -11.28
C LYS B 24 -7.29 -15.28 -11.27
N GLU B 25 -7.98 -14.42 -10.53
CA GLU B 25 -9.41 -14.21 -10.75
C GLU B 25 -9.66 -13.52 -12.09
N HIS B 26 -8.60 -12.99 -12.68
CA HIS B 26 -8.69 -12.29 -13.96
C HIS B 26 -8.23 -13.14 -15.13
N GLY B 27 -7.69 -14.32 -14.84
CA GLY B 27 -7.22 -15.22 -15.87
C GLY B 27 -5.96 -14.76 -16.60
N VAL B 28 -5.19 -13.89 -15.97
CA VAL B 28 -3.94 -13.40 -16.55
C VAL B 28 -2.91 -13.25 -15.42
N PRO B 29 -1.62 -13.23 -15.77
CA PRO B 29 -0.58 -13.09 -14.74
C PRO B 29 -0.65 -11.76 -14.00
N ILE B 30 0.02 -11.73 -12.86
CA ILE B 30 0.37 -10.47 -12.24
C ILE B 30 1.34 -9.78 -13.19
N LEU B 31 0.93 -8.61 -13.70
N LEU B 31 0.95 -8.58 -13.64
CA LEU B 31 1.74 -7.88 -14.66
CA LEU B 31 1.70 -7.86 -14.65
C LEU B 31 2.14 -6.53 -14.11
C LEU B 31 2.13 -6.50 -14.13
N ILE B 32 3.36 -6.09 -14.42
CA ILE B 32 3.80 -4.75 -14.07
C ILE B 32 3.15 -3.76 -15.05
N SER B 33 2.36 -2.83 -14.51
CA SER B 33 1.70 -1.83 -15.35
C SER B 33 2.37 -0.46 -15.25
N GLU B 34 3.19 -0.26 -14.23
CA GLU B 34 3.91 0.99 -14.03
C GLU B 34 5.21 0.71 -13.29
N ILE B 35 6.27 1.41 -13.70
CA ILE B 35 7.52 1.48 -12.96
C ILE B 35 7.68 2.96 -12.61
N HIS B 36 7.43 3.30 -11.35
CA HIS B 36 7.45 4.68 -10.91
C HIS B 36 8.87 5.25 -10.97
N PRO B 37 9.08 6.26 -11.82
CA PRO B 37 10.41 6.86 -11.99
C PRO B 37 11.02 7.26 -10.65
N GLY B 38 12.28 6.92 -10.43
CA GLY B 38 12.95 7.31 -9.21
C GLY B 38 12.80 6.41 -7.99
N GLN B 39 11.86 5.45 -8.04
CA GLN B 39 11.64 4.56 -6.91
C GLN B 39 12.43 3.23 -7.08
N PRO B 40 12.37 2.31 -6.08
CA PRO B 40 13.35 1.21 -6.14
C PRO B 40 13.36 0.35 -7.40
N ALA B 41 12.20 0.01 -7.96
CA ALA B 41 12.19 -0.80 -9.16
C ALA B 41 12.87 -0.10 -10.33
N ASP B 42 12.63 1.21 -10.47
CA ASP B 42 13.25 1.98 -11.54
C ASP B 42 14.76 2.01 -11.32
N ARG B 43 15.18 2.26 -10.09
CA ARG B 43 16.61 2.38 -9.79
C ARG B 43 17.37 1.08 -9.96
N CYS B 44 16.80 -0.02 -9.56
N CYS B 44 16.70 -0.02 -9.58
CA CYS B 44 17.57 -1.24 -9.57
CA CYS B 44 17.22 -1.40 -9.60
C CYS B 44 17.61 -1.86 -11.00
C CYS B 44 17.60 -1.79 -10.98
N GLY B 45 16.76 -1.35 -11.91
CA GLY B 45 16.79 -1.85 -13.26
C GLY B 45 16.29 -3.29 -13.33
N GLY B 46 16.15 -3.78 -14.54
CA GLY B 46 15.81 -5.17 -14.74
C GLY B 46 14.32 -5.46 -14.78
N LEU B 47 13.49 -4.49 -14.37
CA LEU B 47 12.03 -4.68 -14.35
C LEU B 47 11.36 -3.72 -15.33
N HIS B 48 10.42 -4.24 -16.12
CA HIS B 48 9.81 -3.43 -17.18
C HIS B 48 8.31 -3.55 -17.20
N VAL B 49 7.65 -2.47 -17.63
CA VAL B 49 6.22 -2.52 -17.87
C VAL B 49 5.91 -3.66 -18.85
N GLY B 50 4.93 -4.49 -18.52
CA GLY B 50 4.60 -5.62 -19.36
C GLY B 50 5.20 -6.94 -18.91
N ASP B 51 6.16 -6.89 -18.00
CA ASP B 51 6.70 -8.10 -17.38
C ASP B 51 5.65 -8.77 -16.51
N ALA B 52 5.58 -10.09 -16.59
CA ALA B 52 4.81 -10.88 -15.63
C ALA B 52 5.69 -11.16 -14.42
N ILE B 53 5.14 -10.98 -13.23
CA ILE B 53 5.85 -11.36 -12.01
C ILE B 53 5.45 -12.78 -11.63
N LEU B 54 6.40 -13.70 -11.75
CA LEU B 54 6.17 -15.12 -11.49
C LEU B 54 6.35 -15.47 -10.02
N ALA B 55 7.29 -14.80 -9.37
CA ALA B 55 7.59 -15.08 -7.97
C ALA B 55 8.35 -13.93 -7.38
N VAL B 56 8.31 -13.80 -6.06
CA VAL B 56 9.11 -12.82 -5.36
C VAL B 56 9.66 -13.50 -4.12
N ASN B 57 10.99 -13.43 -3.96
CA ASN B 57 11.68 -14.12 -2.86
C ASN B 57 11.26 -15.58 -2.75
N GLY B 58 11.05 -16.21 -3.89
CA GLY B 58 10.71 -17.62 -3.92
C GLY B 58 9.24 -17.92 -3.63
N VAL B 59 8.46 -16.87 -3.40
CA VAL B 59 7.02 -17.03 -3.17
C VAL B 59 6.31 -16.97 -4.52
N ASN B 60 5.62 -18.05 -4.87
CA ASN B 60 4.96 -18.16 -6.16
C ASN B 60 3.81 -17.16 -6.31
N LEU B 61 3.82 -16.41 -7.40
CA LEU B 61 2.71 -15.51 -7.70
C LEU B 61 1.94 -15.92 -8.94
N ARG B 62 2.25 -17.09 -9.49
CA ARG B 62 1.57 -17.52 -10.71
C ARG B 62 0.08 -17.82 -10.50
N ASP B 63 -0.28 -18.25 -9.29
CA ASP B 63 -1.66 -18.68 -9.01
C ASP B 63 -2.37 -17.79 -8.01
N THR B 64 -1.76 -16.66 -7.67
CA THR B 64 -2.35 -15.77 -6.68
C THR B 64 -3.41 -14.85 -7.29
N LYS B 65 -4.48 -14.64 -6.52
CA LYS B 65 -5.41 -13.57 -6.84
C LYS B 65 -4.73 -12.22 -6.64
N HIS B 66 -5.28 -11.19 -7.27
CA HIS B 66 -4.69 -9.85 -7.23
C HIS B 66 -4.30 -9.42 -5.81
N LYS B 67 -5.25 -9.46 -4.88
CA LYS B 67 -4.97 -8.96 -3.54
C LYS B 67 -4.03 -9.87 -2.73
N GLU B 68 -4.00 -11.16 -3.08
CA GLU B 68 -3.01 -12.05 -2.48
C GLU B 68 -1.60 -11.60 -2.88
N ALA B 69 -1.42 -11.32 -4.16
CA ALA B 69 -0.15 -10.81 -4.66
C ALA B 69 0.21 -9.50 -3.98
N VAL B 70 -0.77 -8.62 -3.77
CA VAL B 70 -0.48 -7.35 -3.11
C VAL B 70 0.08 -7.61 -1.71
N THR B 71 -0.56 -8.50 -0.96
CA THR B 71 -0.08 -8.79 0.40
C THR B 71 1.34 -9.34 0.37
N ILE B 72 1.57 -10.29 -0.52
CA ILE B 72 2.89 -10.92 -0.62
C ILE B 72 3.97 -9.90 -1.02
N LEU B 73 3.69 -9.12 -2.06
CA LEU B 73 4.67 -8.16 -2.54
C LEU B 73 5.04 -7.14 -1.47
N SER B 74 4.03 -6.61 -0.78
CA SER B 74 4.25 -5.55 0.19
C SER B 74 4.92 -6.04 1.47
N GLN B 75 4.93 -7.34 1.71
CA GLN B 75 5.61 -7.92 2.88
C GLN B 75 7.12 -7.99 2.72
N GLN B 76 7.62 -7.93 1.49
CA GLN B 76 9.03 -8.18 1.24
C GLN B 76 9.85 -6.96 1.66
N ARG B 77 11.03 -7.21 2.21
CA ARG B 77 11.89 -6.14 2.74
C ARG B 77 13.33 -6.31 2.29
N GLY B 78 14.02 -5.18 2.09
CA GLY B 78 15.47 -5.22 1.93
C GLY B 78 15.94 -5.63 0.55
N GLU B 79 16.61 -6.77 0.47
CA GLU B 79 17.11 -7.30 -0.80
C GLU B 79 16.13 -8.32 -1.33
N ILE B 80 15.43 -7.96 -2.39
CA ILE B 80 14.26 -8.70 -2.83
C ILE B 80 14.49 -9.23 -4.25
N GLU B 81 14.33 -10.54 -4.43
CA GLU B 81 14.55 -11.16 -5.72
C GLU B 81 13.24 -11.45 -6.44
N PHE B 82 13.06 -10.84 -7.60
CA PHE B 82 11.91 -11.07 -8.46
C PHE B 82 12.25 -12.08 -9.52
N GLU B 83 11.28 -12.90 -9.91
CA GLU B 83 11.39 -13.73 -11.10
C GLU B 83 10.34 -13.24 -12.06
N VAL B 84 10.82 -12.75 -13.21
CA VAL B 84 9.92 -12.08 -14.17
C VAL B 84 10.14 -12.60 -15.57
N VAL B 85 9.12 -12.49 -16.41
CA VAL B 85 9.24 -12.87 -17.80
C VAL B 85 8.38 -11.94 -18.65
N TYR B 86 8.89 -11.59 -19.83
CA TYR B 86 8.07 -10.94 -20.83
C TYR B 86 7.59 -12.04 -21.79
N VAL B 87 6.33 -12.44 -21.63
CA VAL B 87 5.76 -13.58 -22.37
C VAL B 87 5.54 -13.27 -23.84
N ARG C 1 -30.87 14.46 -1.10
CA ARG C 1 -29.92 13.58 -0.44
C ARG C 1 -29.46 14.17 0.89
N LEU C 2 -29.25 13.29 1.86
CA LEU C 2 -28.74 13.68 3.16
C LEU C 2 -27.39 14.37 2.99
N GLN C 3 -27.28 15.58 3.54
CA GLN C 3 -26.03 16.32 3.43
C GLN C 3 -25.09 15.98 4.58
N ARG C 4 -24.28 14.95 4.36
CA ARG C 4 -23.32 14.57 5.37
C ARG C 4 -22.16 13.88 4.69
N ARG C 5 -20.95 14.23 5.08
CA ARG C 5 -19.76 13.55 4.60
C ARG C 5 -19.65 12.21 5.31
N ARG C 6 -19.06 11.22 4.66
CA ARG C 6 -18.59 10.05 5.39
C ARG C 6 -17.20 10.41 5.93
N GLU C 7 -17.11 10.67 7.23
CA GLU C 7 -15.84 11.06 7.85
C GLU C 7 -15.83 10.58 9.28
N THR C 8 -14.75 9.92 9.68
CA THR C 8 -14.64 9.40 11.03
C THR C 8 -13.31 9.78 11.66
N GLN C 9 -13.35 10.23 12.91
CA GLN C 9 -12.13 10.47 13.65
C GLN C 9 -11.67 9.16 14.28
N VAL C 10 -10.40 8.83 14.12
N VAL C 10 -10.39 8.84 14.13
CA VAL C 10 -9.87 7.58 14.65
CA VAL C 10 -9.82 7.66 14.77
C VAL C 10 -8.46 7.76 15.19
C VAL C 10 -8.52 8.02 15.51
N ARG D 6 -8.18 -4.78 -11.04
CA ARG D 6 -7.81 -3.40 -11.33
C ARG D 6 -6.30 -3.19 -11.29
N GLU D 7 -5.86 -2.13 -10.62
CA GLU D 7 -4.44 -1.79 -10.58
C GLU D 7 -4.07 -1.36 -9.16
N THR D 8 -2.99 -1.93 -8.62
CA THR D 8 -2.53 -1.58 -7.28
C THR D 8 -1.08 -1.11 -7.31
N GLN D 9 -0.82 0.03 -6.65
CA GLN D 9 0.54 0.51 -6.50
C GLN D 9 1.14 -0.09 -5.25
N VAL D 10 2.37 -0.61 -5.36
CA VAL D 10 3.05 -1.22 -4.23
C VAL D 10 4.51 -0.78 -4.14
C1 GOL E . 10.11 4.62 8.47
O1 GOL E . 11.32 5.23 8.88
C2 GOL E . 10.04 3.17 8.94
O2 GOL E . 11.32 2.57 8.81
C3 GOL E . 9.00 2.44 8.09
O3 GOL E . 8.91 1.08 8.45
C1 GOL F . 2.62 2.35 27.58
O1 GOL F . 2.56 1.56 28.75
C2 GOL F . 1.25 2.88 27.20
O2 GOL F . 0.73 3.66 28.26
C3 GOL F . 0.30 1.73 26.85
O3 GOL F . -0.96 2.25 26.43
#